data_5ZA3
#
_entry.id   5ZA3
#
_cell.length_a   39.647
_cell.length_b   83.984
_cell.length_c   39.978
_cell.angle_alpha   90.00
_cell.angle_beta   108.00
_cell.angle_gamma   90.00
#
_symmetry.space_group_name_H-M   'P 1 21 1'
#
loop_
_entity.id
_entity.type
_entity.pdbx_description
1 polymer 'DNA-binding response regulator'
2 water water
#
_entity_poly.entity_id   1
_entity_poly.type   'polypeptide(L)'
_entity_poly.pdbx_seq_one_letter_code
;PEIIIGDLQILPDAFVAKKRGTEVELTHREFELLHHLATHTGQVMTREHLLETVWGYDYFGDVRTVDVTVRRLREKIEDT
PSRPEYILTRRGVGYYMKSYD
;
_entity_poly.pdbx_strand_id   A,B
#
# COMPACT_ATOMS: atom_id res chain seq x y z
N PRO A 1 -5.27 -4.89 -17.89
CA PRO A 1 -6.20 -3.90 -17.38
C PRO A 1 -5.51 -2.57 -17.12
N GLU A 2 -6.19 -1.50 -17.50
CA GLU A 2 -5.71 -0.17 -17.27
C GLU A 2 -6.93 0.72 -17.19
N ILE A 3 -7.05 1.49 -16.11
CA ILE A 3 -8.17 2.40 -15.97
C ILE A 3 -7.64 3.81 -16.10
N ILE A 4 -8.21 4.57 -17.03
CA ILE A 4 -7.86 5.96 -17.24
C ILE A 4 -9.05 6.82 -16.88
N ILE A 5 -8.85 7.72 -15.92
CA ILE A 5 -9.89 8.66 -15.51
C ILE A 5 -9.23 10.02 -15.43
N GLY A 6 -9.53 10.89 -16.37
CA GLY A 6 -8.87 12.19 -16.43
C GLY A 6 -7.37 12.01 -16.42
N ASP A 7 -6.71 12.60 -15.42
CA ASP A 7 -5.26 12.55 -15.30
C ASP A 7 -4.78 11.35 -14.48
N LEU A 8 -5.72 10.49 -14.07
CA LEU A 8 -5.37 9.32 -13.28
C LEU A 8 -5.23 8.09 -14.16
N GLN A 9 -4.18 7.31 -13.89
CA GLN A 9 -4.02 6.00 -14.48
C GLN A 9 -3.87 4.95 -13.39
N ILE A 10 -4.76 3.97 -13.42
CA ILE A 10 -4.73 2.88 -12.44
C ILE A 10 -4.35 1.59 -13.15
N LEU A 11 -3.30 0.94 -12.66
CA LEU A 11 -2.82 -0.33 -13.20
C LEU A 11 -3.03 -1.43 -12.16
N PRO A 12 -4.20 -2.07 -12.17
CA PRO A 12 -4.57 -3.01 -11.09
C PRO A 12 -3.61 -4.19 -10.88
N ASP A 13 -3.11 -4.80 -11.94
CA ASP A 13 -2.26 -5.97 -11.77
C ASP A 13 -0.92 -5.59 -11.16
N ALA A 14 -0.51 -4.33 -11.34
CA ALA A 14 0.76 -3.85 -10.81
C ALA A 14 0.60 -3.14 -9.47
N PHE A 15 -0.64 -2.98 -9.02
CA PHE A 15 -0.98 -2.14 -7.85
C PHE A 15 -0.27 -0.78 -7.94
N VAL A 16 -0.42 -0.12 -9.08
CA VAL A 16 0.18 1.18 -9.32
C VAL A 16 -0.89 2.18 -9.74
N ALA A 17 -0.83 3.36 -9.13
CA ALA A 17 -1.63 4.51 -9.56
C ALA A 17 -0.70 5.65 -9.93
N LYS A 18 -0.99 6.32 -11.04
CA LYS A 18 -0.23 7.50 -11.46
C LYS A 18 -1.12 8.70 -11.66
N LYS A 19 -0.58 9.88 -11.38
CA LYS A 19 -1.27 11.13 -11.61
C LYS A 19 -0.36 11.97 -12.51
N ARG A 20 -0.85 12.30 -13.70
CA ARG A 20 -0.06 12.97 -14.72
C ARG A 20 1.26 12.23 -14.98
N GLY A 21 1.20 10.91 -14.97
CA GLY A 21 2.33 10.08 -15.32
C GLY A 21 3.31 9.79 -14.21
N THR A 22 3.10 10.37 -13.03
CA THR A 22 3.97 10.12 -11.88
C THR A 22 3.29 9.20 -10.87
N GLU A 23 4.03 8.20 -10.40
CA GLU A 23 3.49 7.24 -9.44
C GLU A 23 3.12 7.91 -8.13
N VAL A 24 1.94 7.56 -7.63
CA VAL A 24 1.47 8.04 -6.34
C VAL A 24 1.68 6.94 -5.31
N GLU A 25 2.35 7.27 -4.21
CA GLU A 25 2.62 6.31 -3.17
C GLU A 25 1.37 6.11 -2.31
N LEU A 26 0.68 4.99 -2.53
CA LEU A 26 -0.55 4.66 -1.81
C LEU A 26 -0.35 3.44 -0.92
N THR A 27 -1.01 3.42 0.23
CA THR A 27 -1.07 2.20 1.02
C THR A 27 -1.89 1.18 0.26
N HIS A 28 -1.77 -0.07 0.67
CA HIS A 28 -2.59 -1.14 0.12
C HIS A 28 -4.08 -0.78 0.15
N ARG A 29 -4.58 -0.32 1.29
CA ARG A 29 -6.01 -0.08 1.41
C ARG A 29 -6.43 1.14 0.62
N GLU A 30 -5.56 2.16 0.56
CA GLU A 30 -5.87 3.33 -0.25
C GLU A 30 -5.98 2.94 -1.72
N PHE A 31 -5.07 2.08 -2.20
CA PHE A 31 -5.15 1.65 -3.58
C PHE A 31 -6.43 0.84 -3.80
N GLU A 32 -6.75 -0.07 -2.88
CA GLU A 32 -7.94 -0.89 -3.04
C GLU A 32 -9.20 -0.01 -3.08
N LEU A 33 -9.24 1.04 -2.27
CA LEU A 33 -10.39 1.91 -2.28
C LEU A 33 -10.46 2.69 -3.59
N LEU A 34 -9.31 3.23 -4.02
CA LEU A 34 -9.26 3.99 -5.26
C LEU A 34 -9.69 3.12 -6.43
N HIS A 35 -9.19 1.89 -6.47
CA HIS A 35 -9.49 0.97 -7.55
C HIS A 35 -10.98 0.64 -7.59
N HIS A 36 -11.58 0.44 -6.42
CA HIS A 36 -13.00 0.11 -6.38
C HIS A 36 -13.85 1.27 -6.88
N LEU A 37 -13.57 2.48 -6.41
CA LEU A 37 -14.29 3.66 -6.86
C LEU A 37 -14.11 3.85 -8.36
N ALA A 38 -12.89 3.61 -8.85
CA ALA A 38 -12.55 3.84 -10.26
C ALA A 38 -13.17 2.85 -11.22
N THR A 39 -13.57 1.69 -10.73
CA THR A 39 -14.18 0.68 -11.59
C THR A 39 -15.70 0.79 -11.48
N HIS A 40 -16.17 1.77 -10.73
CA HIS A 40 -17.60 2.05 -10.61
C HIS A 40 -17.83 3.56 -10.67
N THR A 41 -17.30 4.23 -11.70
CA THR A 41 -17.33 5.69 -11.71
C THR A 41 -18.77 6.21 -11.73
N GLY A 42 -18.99 7.31 -11.01
CA GLY A 42 -20.31 7.91 -10.89
C GLY A 42 -21.25 7.22 -9.93
N GLN A 43 -20.85 6.08 -9.40
CA GLN A 43 -21.69 5.30 -8.49
C GLN A 43 -21.43 5.68 -7.03
N VAL A 44 -22.46 6.18 -6.35
CA VAL A 44 -22.31 6.61 -4.97
C VAL A 44 -22.31 5.39 -4.06
N MET A 45 -21.32 5.34 -3.19
CA MET A 45 -21.14 4.22 -2.28
C MET A 45 -21.12 4.70 -0.84
N THR A 46 -21.96 4.09 0.01
CA THR A 46 -22.00 4.39 1.42
C THR A 46 -20.72 3.92 2.11
N ARG A 47 -20.41 4.49 3.26
CA ARG A 47 -19.23 4.08 4.00
C ARG A 47 -19.36 2.61 4.41
N GLU A 48 -20.56 2.19 4.79
CA GLU A 48 -20.79 0.81 5.19
C GLU A 48 -20.51 -0.13 4.02
N HIS A 49 -20.99 0.22 2.84
CA HIS A 49 -20.77 -0.61 1.66
C HIS A 49 -19.27 -0.70 1.35
N LEU A 50 -18.58 0.44 1.44
CA LEU A 50 -17.16 0.47 1.18
C LEU A 50 -16.39 -0.37 2.19
N LEU A 51 -16.81 -0.35 3.45
CA LEU A 51 -16.13 -1.16 4.47
C LEU A 51 -16.17 -2.64 4.08
N GLU A 52 -17.35 -3.16 3.76
CA GLU A 52 -17.45 -4.59 3.46
C GLU A 52 -16.79 -4.95 2.14
N THR A 53 -16.84 -4.07 1.15
CA THR A 53 -16.30 -4.40 -0.16
C THR A 53 -14.80 -4.21 -0.26
N VAL A 54 -14.27 -3.21 0.44
CA VAL A 54 -12.84 -2.86 0.32
C VAL A 54 -12.03 -3.42 1.48
N TRP A 55 -12.59 -3.45 2.69
CA TRP A 55 -11.91 -4.05 3.84
C TRP A 55 -12.28 -5.52 4.03
N GLY A 56 -13.45 -5.92 3.56
CA GLY A 56 -13.85 -7.32 3.57
C GLY A 56 -15.11 -7.60 4.38
N TYR A 57 -15.78 -8.70 4.07
CA TYR A 57 -17.06 -9.01 4.70
C TYR A 57 -16.94 -9.43 6.14
N ASP A 58 -15.73 -9.80 6.55
CA ASP A 58 -15.46 -10.15 7.94
C ASP A 58 -14.87 -8.97 8.73
N TYR A 59 -14.83 -7.79 8.12
CA TYR A 59 -14.28 -6.62 8.78
C TYR A 59 -15.39 -5.80 9.43
N PHE A 60 -15.37 -5.70 10.76
CA PHE A 60 -16.40 -4.98 11.50
C PHE A 60 -15.79 -3.82 12.29
N GLY A 61 -14.88 -3.10 11.65
CA GLY A 61 -14.24 -1.95 12.27
C GLY A 61 -15.07 -0.69 12.15
N ASP A 62 -14.52 0.43 12.63
CA ASP A 62 -15.20 1.71 12.62
C ASP A 62 -15.36 2.22 11.19
N VAL A 63 -16.57 2.64 10.84
CA VAL A 63 -16.85 3.24 9.53
C VAL A 63 -16.01 4.48 9.28
N ARG A 64 -15.60 5.13 10.36
CA ARG A 64 -14.70 6.27 10.32
C ARG A 64 -13.43 5.98 9.54
N THR A 65 -13.03 4.71 9.52
CA THR A 65 -11.85 4.28 8.80
C THR A 65 -11.97 4.61 7.31
N VAL A 66 -13.19 4.55 6.78
CA VAL A 66 -13.42 4.92 5.39
C VAL A 66 -13.14 6.42 5.19
N ASP A 67 -13.62 7.26 6.11
CA ASP A 67 -13.40 8.70 6.01
C ASP A 67 -11.92 9.04 6.05
N VAL A 68 -11.18 8.37 6.93
CA VAL A 68 -9.74 8.58 7.06
C VAL A 68 -9.06 8.26 5.74
N THR A 69 -9.45 7.13 5.16
CA THR A 69 -8.79 6.64 3.96
C THR A 69 -9.11 7.54 2.75
N VAL A 70 -10.34 8.03 2.68
CA VAL A 70 -10.70 8.99 1.64
C VAL A 70 -9.88 10.28 1.79
N ARG A 71 -9.68 10.74 3.02
CA ARG A 71 -8.88 11.95 3.24
C ARG A 71 -7.45 11.75 2.73
N ARG A 72 -6.82 10.62 3.09
CA ARG A 72 -5.46 10.34 2.65
C ARG A 72 -5.39 10.27 1.14
N LEU A 73 -6.41 9.68 0.54
CA LEU A 73 -6.43 9.53 -0.89
C LEU A 73 -6.50 10.91 -1.53
N ARG A 74 -7.40 11.76 -1.03
CA ARG A 74 -7.50 13.14 -1.50
C ARG A 74 -6.18 13.92 -1.34
N GLU A 75 -5.53 13.77 -0.20
CA GLU A 75 -4.28 14.48 0.01
C GLU A 75 -3.20 14.05 -0.98
N LYS A 76 -3.28 12.79 -1.41
CA LYS A 76 -2.27 12.23 -2.30
C LYS A 76 -2.57 12.40 -3.80
N ILE A 77 -3.85 12.48 -4.20
CA ILE A 77 -4.18 12.53 -5.63
C ILE A 77 -4.85 13.82 -6.12
N GLU A 78 -5.34 14.66 -5.21
CA GLU A 78 -6.02 15.90 -5.61
C GLU A 78 -5.09 17.12 -5.65
N ASP A 79 -5.25 17.94 -6.69
CA ASP A 79 -4.55 19.21 -6.77
C ASP A 79 -4.92 20.10 -5.59
N THR A 80 -6.22 20.12 -5.31
CA THR A 80 -6.80 20.93 -4.24
C THR A 80 -7.77 20.03 -3.47
N PRO A 81 -7.34 19.45 -2.33
CA PRO A 81 -8.23 18.49 -1.68
C PRO A 81 -9.55 19.09 -1.20
N SER A 82 -9.55 20.38 -0.89
CA SER A 82 -10.78 21.05 -0.47
C SER A 82 -11.75 21.21 -1.64
N ARG A 83 -11.25 21.03 -2.87
CA ARG A 83 -12.08 21.07 -4.06
C ARG A 83 -11.71 19.93 -5.00
N PRO A 84 -12.10 18.71 -4.62
CA PRO A 84 -11.63 17.53 -5.35
C PRO A 84 -12.28 17.44 -6.71
N GLU A 85 -11.58 16.82 -7.66
CA GLU A 85 -12.16 16.58 -8.97
C GLU A 85 -12.16 15.10 -9.30
N TYR A 86 -11.73 14.27 -8.36
CA TYR A 86 -11.80 12.82 -8.53
C TYR A 86 -12.62 12.15 -7.44
N ILE A 87 -12.21 12.27 -6.18
CA ILE A 87 -12.92 11.58 -5.11
C ILE A 87 -13.91 12.56 -4.48
N LEU A 88 -15.18 12.37 -4.82
CA LEU A 88 -16.23 13.32 -4.45
C LEU A 88 -17.14 12.77 -3.37
N THR A 89 -17.74 13.68 -2.62
CA THR A 89 -18.73 13.36 -1.63
C THR A 89 -20.12 13.69 -2.15
N ARG A 90 -21.05 12.75 -1.97
CA ARG A 90 -22.48 13.05 -2.09
C ARG A 90 -22.97 13.24 -0.67
N ARG A 91 -23.22 14.49 -0.30
CA ARG A 91 -23.52 14.85 1.08
C ARG A 91 -24.65 14.01 1.70
N GLY A 92 -24.35 13.42 2.84
CA GLY A 92 -25.32 12.62 3.57
C GLY A 92 -25.44 11.19 3.10
N VAL A 93 -24.84 10.87 1.96
CA VAL A 93 -25.05 9.56 1.34
C VAL A 93 -23.76 8.74 1.21
N GLY A 94 -22.71 9.30 0.63
CA GLY A 94 -21.51 8.50 0.40
C GLY A 94 -20.41 9.15 -0.42
N TYR A 95 -19.54 8.31 -0.98
CA TYR A 95 -18.43 8.74 -1.82
C TYR A 95 -18.52 8.14 -3.22
N TYR A 96 -17.89 8.81 -4.18
CA TYR A 96 -17.83 8.27 -5.53
C TYR A 96 -16.66 8.87 -6.30
N MET A 97 -16.30 8.20 -7.39
CA MET A 97 -15.30 8.73 -8.30
C MET A 97 -16.05 9.43 -9.41
N LYS A 98 -15.66 10.67 -9.67
CA LYS A 98 -16.25 11.45 -10.73
C LYS A 98 -16.01 10.77 -12.06
N SER A 99 -17.05 10.66 -12.88
CA SER A 99 -16.88 10.10 -14.22
C SER A 99 -16.33 11.16 -15.17
N TYR A 100 -15.42 10.75 -16.04
CA TYR A 100 -14.87 11.62 -17.09
C TYR A 100 -15.17 10.97 -18.44
N ASP A 101 -14.35 11.29 -19.45
CA ASP A 101 -14.50 10.72 -20.79
C ASP A 101 -13.35 9.78 -21.10
N PRO B 1 -2.89 -16.05 9.71
CA PRO B 1 -1.46 -15.84 9.93
C PRO B 1 -1.17 -14.62 10.78
N GLU B 2 -0.17 -14.74 11.64
CA GLU B 2 0.30 -13.61 12.42
C GLU B 2 1.78 -13.84 12.66
N ILE B 3 2.59 -12.86 12.28
CA ILE B 3 4.03 -12.96 12.47
C ILE B 3 4.47 -11.92 13.48
N ILE B 4 5.15 -12.38 14.53
CA ILE B 4 5.69 -11.50 15.55
C ILE B 4 7.21 -11.55 15.53
N ILE B 5 7.81 -10.39 15.30
CA ILE B 5 9.27 -10.24 15.32
C ILE B 5 9.60 -8.97 16.11
N GLY B 6 10.19 -9.16 17.28
CA GLY B 6 10.49 -8.04 18.16
C GLY B 6 9.24 -7.22 18.45
N ASP B 7 9.27 -5.94 18.09
CA ASP B 7 8.16 -5.03 18.32
C ASP B 7 7.18 -5.01 17.15
N LEU B 8 7.43 -5.86 16.16
CA LEU B 8 6.61 -5.88 14.94
C LEU B 8 5.55 -6.97 14.97
N GLN B 9 4.36 -6.61 14.51
CA GLN B 9 3.29 -7.57 14.27
C GLN B 9 2.86 -7.44 12.82
N ILE B 10 2.95 -8.53 12.08
CA ILE B 10 2.54 -8.53 10.69
C ILE B 10 1.30 -9.41 10.58
N LEU B 11 0.22 -8.85 10.07
CA LEU B 11 -1.04 -9.56 9.89
C LEU B 11 -1.33 -9.69 8.39
N PRO B 12 -0.84 -10.77 7.78
CA PRO B 12 -0.92 -10.93 6.32
C PRO B 12 -2.32 -10.86 5.73
N ASP B 13 -3.33 -11.44 6.38
CA ASP B 13 -4.67 -11.44 5.81
C ASP B 13 -5.27 -10.04 5.79
N ALA B 14 -4.81 -9.19 6.71
CA ALA B 14 -5.34 -7.83 6.84
C ALA B 14 -4.48 -6.80 6.10
N PHE B 15 -3.35 -7.25 5.56
CA PHE B 15 -2.31 -6.36 5.02
C PHE B 15 -1.99 -5.22 5.98
N VAL B 16 -1.75 -5.59 7.23
CA VAL B 16 -1.45 -4.63 8.29
C VAL B 16 -0.14 -5.00 8.98
N ALA B 17 0.71 -4.00 9.17
CA ALA B 17 1.88 -4.12 10.00
C ALA B 17 1.78 -3.11 11.14
N LYS B 18 2.09 -3.56 12.35
CA LYS B 18 2.10 -2.68 13.51
C LYS B 18 3.47 -2.69 14.18
N LYS B 19 3.84 -1.55 14.73
CA LYS B 19 5.09 -1.41 15.46
C LYS B 19 4.70 -0.87 16.82
N ARG B 20 5.01 -1.64 17.86
CA ARG B 20 4.58 -1.32 19.22
C ARG B 20 3.08 -1.06 19.29
N GLY B 21 2.32 -1.85 18.54
CA GLY B 21 0.87 -1.84 18.60
C GLY B 21 0.21 -0.77 17.75
N THR B 22 1.01 0.06 17.08
CA THR B 22 0.50 1.11 16.20
C THR B 22 0.70 0.74 14.72
N GLU B 23 -0.35 0.91 13.92
CA GLU B 23 -0.27 0.59 12.50
C GLU B 23 0.74 1.48 11.78
N VAL B 24 1.55 0.83 10.95
CA VAL B 24 2.55 1.49 10.13
C VAL B 24 1.98 1.67 8.73
N GLU B 25 2.03 2.90 8.21
CA GLU B 25 1.51 3.15 6.87
C GLU B 25 2.55 2.73 5.84
N LEU B 26 2.31 1.57 5.25
CA LEU B 26 3.20 1.03 4.23
C LEU B 26 2.49 1.03 2.91
N THR B 27 3.23 1.26 1.83
CA THR B 27 2.66 1.05 0.51
C THR B 27 2.41 -0.43 0.33
N HIS B 28 1.61 -0.77 -0.68
CA HIS B 28 1.41 -2.15 -1.03
C HIS B 28 2.74 -2.91 -1.20
N ARG B 29 3.66 -2.33 -1.96
CA ARG B 29 4.88 -3.04 -2.29
C ARG B 29 5.80 -3.15 -1.08
N GLU B 30 5.82 -2.12 -0.24
CA GLU B 30 6.57 -2.18 1.01
C GLU B 30 6.06 -3.29 1.92
N PHE B 31 4.75 -3.43 2.02
CA PHE B 31 4.21 -4.49 2.88
C PHE B 31 4.59 -5.86 2.30
N GLU B 32 4.45 -6.01 0.99
CA GLU B 32 4.81 -7.27 0.34
C GLU B 32 6.26 -7.67 0.58
N LEU B 33 7.15 -6.68 0.54
CA LEU B 33 8.55 -6.92 0.79
C LEU B 33 8.78 -7.31 2.23
N LEU B 34 8.20 -6.56 3.16
CA LEU B 34 8.32 -6.88 4.58
C LEU B 34 7.79 -8.27 4.90
N HIS B 35 6.65 -8.62 4.33
CA HIS B 35 6.04 -9.92 4.60
C HIS B 35 6.94 -11.04 4.09
N HIS B 36 7.54 -10.84 2.91
CA HIS B 36 8.40 -11.86 2.35
C HIS B 36 9.65 -12.08 3.19
N LEU B 37 10.30 -10.98 3.59
CA LEU B 37 11.47 -11.11 4.45
C LEU B 37 11.10 -11.76 5.78
N ALA B 38 9.94 -11.38 6.32
CA ALA B 38 9.52 -11.86 7.64
C ALA B 38 9.14 -13.33 7.67
N THR B 39 8.79 -13.89 6.51
CA THR B 39 8.45 -15.30 6.40
C THR B 39 9.64 -16.12 5.90
N HIS B 40 10.78 -15.46 5.71
CA HIS B 40 12.02 -16.13 5.34
C HIS B 40 13.21 -15.58 6.12
N THR B 41 13.05 -15.54 7.44
CA THR B 41 14.05 -14.91 8.30
C THR B 41 15.39 -15.63 8.23
N GLY B 42 16.47 -14.86 8.28
CA GLY B 42 17.83 -15.37 8.20
C GLY B 42 18.26 -15.73 6.79
N GLN B 43 17.33 -15.68 5.84
CA GLN B 43 17.65 -16.04 4.47
C GLN B 43 18.03 -14.77 3.71
N VAL B 44 19.26 -14.73 3.21
CA VAL B 44 19.75 -13.56 2.50
C VAL B 44 19.24 -13.61 1.08
N MET B 45 18.65 -12.51 0.63
CA MET B 45 18.04 -12.44 -0.69
C MET B 45 18.65 -11.33 -1.53
N THR B 46 19.08 -11.69 -2.74
CA THR B 46 19.59 -10.73 -3.69
C THR B 46 18.47 -9.83 -4.19
N ARG B 47 18.83 -8.66 -4.69
CA ARG B 47 17.85 -7.74 -5.25
C ARG B 47 17.13 -8.38 -6.43
N GLU B 48 17.86 -9.14 -7.23
CA GLU B 48 17.29 -9.81 -8.39
C GLU B 48 16.22 -10.80 -7.94
N HIS B 49 16.52 -11.57 -6.90
CA HIS B 49 15.58 -12.53 -6.37
C HIS B 49 14.35 -11.84 -5.80
N LEU B 50 14.57 -10.75 -5.05
CA LEU B 50 13.48 -9.98 -4.48
C LEU B 50 12.58 -9.38 -5.56
N LEU B 51 13.17 -8.93 -6.67
CA LEU B 51 12.38 -8.39 -7.75
C LEU B 51 11.40 -9.45 -8.25
N GLU B 52 11.89 -10.65 -8.49
CA GLU B 52 11.04 -11.68 -9.06
C GLU B 52 9.97 -12.16 -8.08
N THR B 53 10.33 -12.25 -6.81
CA THR B 53 9.42 -12.83 -5.82
C THR B 53 8.42 -11.82 -5.25
N VAL B 54 8.84 -10.57 -5.13
CA VAL B 54 8.00 -9.54 -4.50
C VAL B 54 7.30 -8.68 -5.57
N TRP B 55 7.95 -8.37 -6.69
CA TRP B 55 7.28 -7.61 -7.75
C TRP B 55 6.63 -8.52 -8.80
N GLY B 56 7.16 -9.74 -8.93
CA GLY B 56 6.58 -10.74 -9.83
C GLY B 56 7.53 -11.23 -10.92
N TYR B 57 7.24 -12.42 -11.46
CA TYR B 57 8.12 -13.02 -12.45
C TYR B 57 8.04 -12.35 -13.81
N ASP B 58 7.00 -11.55 -14.03
CA ASP B 58 6.88 -10.76 -15.25
C ASP B 58 7.36 -9.32 -15.06
N TYR B 59 7.94 -9.02 -13.91
CA TYR B 59 8.44 -7.67 -13.65
C TYR B 59 9.92 -7.58 -14.01
N PHE B 60 10.24 -6.76 -15.00
CA PHE B 60 11.62 -6.62 -15.49
C PHE B 60 12.13 -5.20 -15.32
N GLY B 61 11.84 -4.61 -14.16
CA GLY B 61 12.30 -3.28 -13.84
C GLY B 61 13.70 -3.27 -13.26
N ASP B 62 14.14 -2.07 -12.88
CA ASP B 62 15.47 -1.84 -12.31
C ASP B 62 15.61 -2.41 -10.90
N VAL B 63 16.72 -3.10 -10.65
CA VAL B 63 17.03 -3.59 -9.30
C VAL B 63 17.11 -2.48 -8.27
N ARG B 64 17.46 -1.27 -8.69
CA ARG B 64 17.46 -0.10 -7.83
C ARG B 64 16.13 0.08 -7.09
N THR B 65 15.05 -0.35 -7.73
CA THR B 65 13.73 -0.27 -7.12
C THR B 65 13.67 -1.03 -5.80
N VAL B 66 14.42 -2.14 -5.72
CA VAL B 66 14.49 -2.90 -4.47
C VAL B 66 15.20 -2.05 -3.39
N ASP B 67 16.29 -1.40 -3.76
CA ASP B 67 17.04 -0.56 -2.80
C ASP B 67 16.17 0.57 -2.28
N VAL B 68 15.42 1.21 -3.17
CA VAL B 68 14.55 2.30 -2.79
C VAL B 68 13.50 1.80 -1.80
N THR B 69 12.92 0.65 -2.10
CA THR B 69 11.82 0.14 -1.30
C THR B 69 12.35 -0.29 0.07
N VAL B 70 13.54 -0.86 0.14
CA VAL B 70 14.14 -1.18 1.44
C VAL B 70 14.39 0.10 2.23
N ARG B 71 14.86 1.15 1.58
CA ARG B 71 15.08 2.41 2.28
C ARG B 71 13.78 2.95 2.87
N ARG B 72 12.72 2.96 2.08
CA ARG B 72 11.41 3.44 2.56
C ARG B 72 10.93 2.60 3.72
N LEU B 73 11.13 1.29 3.63
CA LEU B 73 10.69 0.39 4.67
C LEU B 73 11.44 0.70 5.96
N ARG B 74 12.76 0.86 5.86
CA ARG B 74 13.57 1.22 7.02
C ARG B 74 13.13 2.53 7.66
N GLU B 75 12.85 3.54 6.83
CA GLU B 75 12.42 4.82 7.37
C GLU B 75 11.11 4.70 8.14
N LYS B 76 10.27 3.75 7.74
CA LYS B 76 8.96 3.60 8.36
C LYS B 76 8.92 2.66 9.58
N ILE B 77 9.80 1.66 9.61
CA ILE B 77 9.75 0.66 10.70
C ILE B 77 10.98 0.65 11.61
N GLU B 78 12.06 1.33 11.25
CA GLU B 78 13.24 1.37 12.11
C GLU B 78 13.24 2.61 13.00
N ASP B 79 13.54 2.42 14.28
CA ASP B 79 13.74 3.54 15.18
C ASP B 79 14.94 4.37 14.72
N THR B 80 15.98 3.67 14.29
CA THR B 80 17.21 4.27 13.77
C THR B 80 17.59 3.60 12.46
N PRO B 81 17.23 4.21 11.32
CA PRO B 81 17.50 3.52 10.04
C PRO B 81 18.98 3.29 9.77
N SER B 82 19.86 4.12 10.29
CA SER B 82 21.29 3.95 10.10
C SER B 82 21.82 2.75 10.89
N ARG B 83 21.03 2.30 11.86
CA ARG B 83 21.39 1.16 12.69
C ARG B 83 20.16 0.26 12.83
N PRO B 84 19.80 -0.42 11.74
CA PRO B 84 18.52 -1.15 11.73
C PRO B 84 18.59 -2.40 12.58
N GLU B 85 17.46 -2.83 13.11
CA GLU B 85 17.40 -4.08 13.85
C GLU B 85 16.40 -5.07 13.25
N TYR B 86 15.80 -4.72 12.12
CA TYR B 86 14.90 -5.63 11.43
C TYR B 86 15.38 -5.92 10.01
N ILE B 87 15.48 -4.87 9.19
CA ILE B 87 15.85 -5.05 7.79
C ILE B 87 17.34 -4.82 7.64
N LEU B 88 18.08 -5.93 7.48
CA LEU B 88 19.54 -5.90 7.48
C LEU B 88 20.12 -6.10 6.09
N THR B 89 21.33 -5.57 5.90
CA THR B 89 22.10 -5.77 4.69
C THR B 89 23.22 -6.80 4.91
N ARG B 90 23.35 -7.72 3.97
CA ARG B 90 24.55 -8.53 3.82
C ARG B 90 25.37 -7.91 2.71
N ARG B 91 26.49 -7.30 3.09
CA ARG B 91 27.28 -6.49 2.17
C ARG B 91 27.62 -7.23 0.87
N GLY B 92 27.27 -6.61 -0.25
CA GLY B 92 27.58 -7.15 -1.55
C GLY B 92 26.64 -8.23 -2.06
N VAL B 93 25.76 -8.72 -1.18
CA VAL B 93 24.94 -9.89 -1.53
C VAL B 93 23.45 -9.59 -1.55
N GLY B 94 22.91 -9.02 -0.48
CA GLY B 94 21.48 -8.81 -0.42
C GLY B 94 20.94 -8.31 0.89
N TYR B 95 19.65 -8.52 1.07
CA TYR B 95 18.94 -8.10 2.27
C TYR B 95 18.34 -9.30 2.98
N TYR B 96 18.13 -9.15 4.29
CA TYR B 96 17.49 -10.19 5.05
C TYR B 96 16.87 -9.62 6.30
N MET B 97 15.94 -10.40 6.85
CA MET B 97 15.30 -10.05 8.10
C MET B 97 16.00 -10.80 9.20
N LYS B 98 16.40 -10.10 10.24
CA LYS B 98 17.04 -10.77 11.35
C LYS B 98 16.09 -11.76 12.01
N SER B 99 16.63 -12.93 12.32
CA SER B 99 15.90 -13.93 13.09
C SER B 99 15.90 -13.57 14.57
N TYR B 100 14.76 -13.77 15.23
CA TYR B 100 14.64 -13.59 16.69
C TYR B 100 14.18 -14.90 17.34
#